data_2O9R
#
_entry.id   2O9R
#
_cell.length_a   71.144
_cell.length_b   75.394
_cell.length_c   88.649
_cell.angle_alpha   90.00
_cell.angle_beta   90.00
_cell.angle_gamma   90.00
#
_symmetry.space_group_name_H-M   'P 21 21 21'
#
loop_
_entity.id
_entity.type
_entity.pdbx_description
1 polymer 'Beta-glucosidase B'
2 branched beta-D-glucopyranose-(1-4)-4-thio-beta-D-glucopyranose
3 water water
#
_entity_poly.entity_id   1
_entity_poly.type   'polypeptide(L)'
_entity_poly.pdbx_seq_one_letter_code
;MHHHHHHNTFIFPATFMWGTSTSSYQIEGGTDEGGRTPSIWDTFCQIPGKVIGGDCGDVACDHFHHFKEDVQLMKQLGFL
HYRFSVAWPRIMPAAGIINEEGLLFYEHLLDEIELAGLIPMLTLYHWDLPQWIEDEGGWTQRETIQHFKTYASVIMDRFG
ERINWWNTINEPYCASILGYGTGEHAPGHENWREAFTAAHHILMCHGIASNLHKEKGLTGKIGITLNMEHVDAASERPED
VAAAIRRDGFINRWFAEPLFNGKYPEDMVEWYGTYLNGLDFVQPGDMELIQQPGDFLGINYYTRSIIRSTNDASLLQVEQ
VHMEEPVTDMGWEIHPESFYKLLTRIEKDFSKGLPILITENGAAMRDELVNGQIEDTGRQRYIEEHLKACHRFIEEGGQL
KGYFVWSFLDNFEWAWGYSKRFGIVHINYETQERTPKQSALWFKQMMAKNGF
;
_entity_poly.pdbx_strand_id   A
#
loop_
_chem_comp.id
_chem_comp.type
_chem_comp.name
_chem_comp.formula
BGC D-saccharide, beta linking beta-D-glucopyranose 'C6 H12 O6'
SGC D-saccharide, beta linking 4-thio-beta-D-glucopyranose 'C6 H12 O5 S'
#
# COMPACT_ATOMS: atom_id res chain seq x y z
N ASN A 8 -23.28 -9.24 21.51
CA ASN A 8 -22.66 -8.14 20.73
C ASN A 8 -21.17 -8.46 20.50
N THR A 9 -20.86 -9.74 20.32
CA THR A 9 -19.48 -10.13 20.09
C THR A 9 -19.25 -10.34 18.59
N PHE A 10 -18.03 -10.02 18.14
CA PHE A 10 -17.66 -10.14 16.74
C PHE A 10 -16.65 -11.26 16.50
N ILE A 11 -17.14 -12.38 15.99
CA ILE A 11 -16.33 -13.53 15.69
C ILE A 11 -16.10 -13.62 14.19
N PHE A 12 -14.87 -13.94 13.83
CA PHE A 12 -14.50 -14.04 12.43
C PHE A 12 -14.27 -15.47 12.02
N PRO A 13 -14.31 -15.75 10.71
CA PRO A 13 -14.10 -17.11 10.22
C PRO A 13 -12.92 -17.76 10.94
N ALA A 14 -12.89 -19.10 10.91
CA ALA A 14 -11.80 -19.83 11.56
C ALA A 14 -10.58 -19.68 10.67
N THR A 15 -10.81 -19.71 9.36
CA THR A 15 -9.75 -19.60 8.38
C THR A 15 -9.25 -18.17 8.16
N PHE A 16 -9.96 -17.19 8.71
CA PHE A 16 -9.58 -15.80 8.52
C PHE A 16 -8.08 -15.56 8.72
N MET A 17 -7.51 -14.67 7.92
CA MET A 17 -6.07 -14.34 7.99
C MET A 17 -5.81 -13.08 8.80
N TRP A 18 -5.11 -13.22 9.92
CA TRP A 18 -4.78 -12.09 10.78
C TRP A 18 -3.31 -11.75 10.59
N GLY A 19 -3.03 -10.55 10.12
CA GLY A 19 -1.63 -10.19 9.92
C GLY A 19 -1.26 -8.76 10.28
N THR A 20 -0.02 -8.42 9.95
CA THR A 20 0.52 -7.09 10.19
C THR A 20 1.40 -6.82 8.97
N SER A 21 1.61 -5.55 8.64
CA SER A 21 2.40 -5.23 7.48
C SER A 21 3.32 -4.03 7.62
N THR A 22 4.31 -3.96 6.74
CA THR A 22 5.27 -2.86 6.76
C THR A 22 5.67 -2.54 5.33
N SER A 23 6.66 -1.67 5.20
CA SER A 23 7.20 -1.23 3.91
C SER A 23 8.71 -1.15 4.09
N SER A 24 9.45 -1.59 3.08
CA SER A 24 10.91 -1.61 3.15
C SER A 24 11.59 -0.26 3.38
N TYR A 25 11.20 0.76 2.62
CA TYR A 25 11.84 2.05 2.80
C TYR A 25 11.42 2.72 4.10
N GLN A 26 10.19 2.42 4.52
CA GLN A 26 9.63 2.99 5.74
C GLN A 26 10.23 2.49 7.05
N ILE A 27 10.85 1.31 7.05
CA ILE A 27 11.43 0.77 8.28
C ILE A 27 12.89 0.30 8.28
N GLU A 28 13.36 -0.21 7.15
CA GLU A 28 14.71 -0.77 7.06
C GLU A 28 15.94 0.07 7.42
N GLY A 29 16.02 1.29 6.93
CA GLY A 29 17.21 2.08 7.21
C GLY A 29 18.33 1.44 6.42
N GLY A 30 19.57 1.53 6.90
CA GLY A 30 20.68 0.95 6.17
C GLY A 30 20.54 1.28 4.70
N THR A 31 20.22 2.54 4.42
CA THR A 31 20.03 3.00 3.04
C THR A 31 21.26 2.83 2.15
N ASP A 32 22.44 3.11 2.68
CA ASP A 32 23.66 2.98 1.91
C ASP A 32 24.51 1.81 2.38
N GLU A 33 23.86 0.81 2.97
CA GLU A 33 24.54 -0.38 3.44
C GLU A 33 24.21 -1.60 2.59
N GLY A 34 25.14 -2.54 2.54
CA GLY A 34 24.94 -3.77 1.80
C GLY A 34 24.74 -3.68 0.30
N GLY A 35 25.32 -2.67 -0.33
CA GLY A 35 25.19 -2.53 -1.77
C GLY A 35 23.99 -1.73 -2.25
N ARG A 36 23.09 -1.38 -1.33
CA ARG A 36 21.90 -0.62 -1.70
C ARG A 36 22.27 0.73 -2.28
N THR A 37 21.69 1.06 -3.43
CA THR A 37 21.90 2.36 -4.06
C THR A 37 20.64 3.18 -3.77
N PRO A 38 20.71 4.50 -3.91
CA PRO A 38 19.59 5.39 -3.64
C PRO A 38 18.29 5.14 -4.41
N SER A 39 17.17 5.18 -3.70
CA SER A 39 15.86 5.00 -4.31
C SER A 39 15.35 6.40 -4.62
N ILE A 40 14.22 6.50 -5.32
CA ILE A 40 13.68 7.80 -5.66
C ILE A 40 13.29 8.61 -4.44
N TRP A 41 12.94 7.93 -3.35
CA TRP A 41 12.57 8.65 -2.14
C TRP A 41 13.74 9.26 -1.40
N ASP A 42 14.94 8.69 -1.58
CA ASP A 42 16.13 9.22 -0.93
C ASP A 42 16.44 10.58 -1.53
N THR A 43 16.11 10.73 -2.80
CA THR A 43 16.34 11.97 -3.53
C THR A 43 15.23 12.97 -3.19
N PHE A 44 14.00 12.53 -3.42
CA PHE A 44 12.80 13.32 -3.17
C PHE A 44 12.82 13.98 -1.80
N CYS A 45 13.14 13.20 -0.77
CA CYS A 45 13.18 13.71 0.60
C CYS A 45 14.18 14.85 0.83
N GLN A 46 15.04 15.12 -0.16
CA GLN A 46 16.02 16.20 0.00
C GLN A 46 15.49 17.52 -0.53
N ILE A 47 14.50 17.41 -1.41
CA ILE A 47 13.87 18.57 -2.01
C ILE A 47 13.18 19.33 -0.90
N PRO A 48 13.57 20.60 -0.68
CA PRO A 48 12.97 21.42 0.37
C PRO A 48 11.45 21.47 0.28
N GLY A 49 10.79 21.32 1.43
CA GLY A 49 9.34 21.38 1.46
C GLY A 49 8.54 20.16 1.05
N LYS A 50 9.19 19.13 0.52
CA LYS A 50 8.47 17.93 0.09
C LYS A 50 8.07 16.98 1.21
N VAL A 51 8.91 16.86 2.24
CA VAL A 51 8.61 16.00 3.37
C VAL A 51 8.71 16.84 4.64
N ILE A 52 7.71 16.72 5.51
CA ILE A 52 7.67 17.46 6.76
C ILE A 52 9.01 17.36 7.48
N GLY A 53 9.44 18.47 8.07
CA GLY A 53 10.70 18.50 8.79
C GLY A 53 11.94 18.19 7.95
N GLY A 54 11.74 17.92 6.66
CA GLY A 54 12.88 17.61 5.81
C GLY A 54 13.38 16.20 6.07
N ASP A 55 12.60 15.42 6.81
CA ASP A 55 13.01 14.06 7.13
C ASP A 55 13.22 13.16 5.93
N CYS A 56 14.08 12.16 6.12
CA CYS A 56 14.38 11.17 5.09
C CYS A 56 14.31 9.76 5.67
N GLY A 57 14.41 8.75 4.81
CA GLY A 57 14.35 7.37 5.25
C GLY A 57 15.65 6.84 5.85
N ASP A 58 16.56 7.75 6.15
CA ASP A 58 17.83 7.41 6.73
C ASP A 58 17.61 6.79 8.11
N VAL A 59 18.04 5.54 8.26
CA VAL A 59 17.91 4.79 9.51
C VAL A 59 16.48 4.36 9.82
N ALA A 60 15.55 5.32 9.85
CA ALA A 60 14.16 4.99 10.15
C ALA A 60 14.10 4.12 11.41
N CYS A 61 13.51 2.93 11.31
CA CYS A 61 13.40 2.00 12.45
C CYS A 61 14.62 1.08 12.51
N ASP A 62 15.51 1.24 11.56
CA ASP A 62 16.71 0.42 11.50
C ASP A 62 16.37 -1.07 11.51
N HIS A 63 15.25 -1.42 10.90
CA HIS A 63 14.80 -2.82 10.81
C HIS A 63 15.83 -3.66 10.04
N PHE A 64 16.77 -3.01 9.37
CA PHE A 64 17.82 -3.72 8.63
C PHE A 64 18.71 -4.46 9.63
N HIS A 65 18.81 -3.91 10.83
CA HIS A 65 19.64 -4.54 11.86
C HIS A 65 18.80 -5.22 12.93
N HIS A 66 17.59 -4.74 13.16
CA HIS A 66 16.71 -5.30 14.19
C HIS A 66 15.65 -6.31 13.72
N PHE A 67 15.78 -6.84 12.51
CA PHE A 67 14.74 -7.75 12.02
C PHE A 67 14.44 -9.00 12.85
N LYS A 68 15.45 -9.68 13.37
CA LYS A 68 15.20 -10.87 14.16
C LYS A 68 14.36 -10.52 15.39
N GLU A 69 14.65 -9.38 16.00
CA GLU A 69 13.89 -8.97 17.17
C GLU A 69 12.48 -8.61 16.74
N ASP A 70 12.36 -7.92 15.61
CA ASP A 70 11.04 -7.53 15.14
C ASP A 70 10.14 -8.72 14.86
N VAL A 71 10.60 -9.66 14.05
CA VAL A 71 9.80 -10.84 13.72
C VAL A 71 9.48 -11.60 14.98
N GLN A 72 10.46 -11.75 15.86
CA GLN A 72 10.23 -12.44 17.13
C GLN A 72 9.14 -11.67 17.89
N LEU A 73 9.21 -10.35 17.82
CA LEU A 73 8.23 -9.50 18.50
C LEU A 73 6.84 -9.72 17.93
N MET A 74 6.77 -10.14 16.66
CA MET A 74 5.49 -10.40 16.01
C MET A 74 4.94 -11.71 16.56
N LYS A 75 5.76 -12.76 16.50
CA LYS A 75 5.40 -14.07 16.99
C LYS A 75 4.88 -13.86 18.42
N GLN A 76 5.71 -13.23 19.24
CA GLN A 76 5.39 -12.93 20.62
C GLN A 76 4.06 -12.16 20.71
N LEU A 77 3.74 -11.43 19.65
CA LEU A 77 2.52 -10.64 19.63
C LEU A 77 1.31 -11.38 19.03
N GLY A 78 1.49 -12.67 18.74
CA GLY A 78 0.41 -13.50 18.22
C GLY A 78 0.03 -13.36 16.75
N PHE A 79 1.00 -13.02 15.91
CA PHE A 79 0.72 -12.85 14.49
C PHE A 79 1.16 -14.06 13.68
N LEU A 80 0.26 -14.53 12.82
CA LEU A 80 0.55 -15.67 11.96
C LEU A 80 1.01 -15.21 10.57
N HIS A 81 0.57 -14.04 10.15
CA HIS A 81 0.91 -13.49 8.83
C HIS A 81 1.69 -12.17 8.90
N TYR A 82 2.63 -11.99 7.98
CA TYR A 82 3.44 -10.78 7.92
C TYR A 82 3.70 -10.32 6.49
N ARG A 83 3.15 -9.17 6.11
CA ARG A 83 3.36 -8.63 4.78
C ARG A 83 4.44 -7.57 4.85
N PHE A 84 5.47 -7.74 4.01
CA PHE A 84 6.59 -6.81 3.94
C PHE A 84 6.93 -6.63 2.47
N SER A 85 7.84 -5.72 2.17
CA SER A 85 8.19 -5.49 0.79
C SER A 85 9.69 -5.55 0.60
N VAL A 86 10.10 -5.81 -0.63
CA VAL A 86 11.50 -5.90 -0.99
C VAL A 86 11.91 -4.59 -1.63
N ALA A 87 13.01 -4.03 -1.14
CA ALA A 87 13.54 -2.78 -1.68
C ALA A 87 14.24 -3.08 -3.00
N TRP A 88 13.63 -2.62 -4.09
CA TRP A 88 14.21 -2.84 -5.41
C TRP A 88 15.69 -2.46 -5.38
N PRO A 89 16.02 -1.29 -4.80
CA PRO A 89 17.42 -0.83 -4.73
C PRO A 89 18.44 -1.82 -4.18
N ARG A 90 18.07 -2.62 -3.18
CA ARG A 90 18.99 -3.61 -2.61
C ARG A 90 19.25 -4.75 -3.59
N ILE A 91 18.31 -4.99 -4.50
CA ILE A 91 18.44 -6.07 -5.46
C ILE A 91 19.08 -5.65 -6.80
N MET A 92 18.65 -4.52 -7.36
CA MET A 92 19.19 -4.00 -8.61
C MET A 92 19.84 -2.63 -8.39
N PRO A 93 20.97 -2.59 -7.67
CA PRO A 93 21.61 -1.30 -7.41
C PRO A 93 22.05 -0.57 -8.69
N ALA A 94 22.06 -1.30 -9.81
CA ALA A 94 22.45 -0.72 -11.11
C ALA A 94 21.89 -1.58 -12.24
N ALA A 95 22.09 -1.15 -13.48
CA ALA A 95 21.58 -1.91 -14.62
C ALA A 95 22.10 -3.36 -14.70
N GLY A 96 21.16 -4.30 -14.70
CA GLY A 96 21.47 -5.72 -14.80
C GLY A 96 22.58 -6.32 -13.94
N ILE A 97 22.76 -5.81 -12.72
CA ILE A 97 23.82 -6.35 -11.87
C ILE A 97 23.39 -7.49 -10.95
N ILE A 98 22.50 -7.21 -10.00
CA ILE A 98 22.00 -8.21 -9.05
C ILE A 98 22.88 -8.36 -7.80
N ASN A 99 22.62 -7.51 -6.80
CA ASN A 99 23.38 -7.56 -5.55
C ASN A 99 23.04 -8.75 -4.68
N GLU A 100 23.96 -9.69 -4.58
CA GLU A 100 23.75 -10.90 -3.78
C GLU A 100 23.58 -10.59 -2.31
N GLU A 101 24.22 -9.52 -1.84
CA GLU A 101 24.15 -9.14 -0.43
C GLU A 101 22.75 -8.67 -0.07
N GLY A 102 22.02 -8.17 -1.06
CA GLY A 102 20.67 -7.71 -0.84
C GLY A 102 19.74 -8.91 -0.70
N LEU A 103 19.86 -9.86 -1.63
CA LEU A 103 19.03 -11.05 -1.58
C LEU A 103 19.26 -11.77 -0.26
N LEU A 104 20.52 -11.84 0.16
CA LEU A 104 20.86 -12.49 1.42
C LEU A 104 20.10 -11.90 2.59
N PHE A 105 19.92 -10.57 2.57
CA PHE A 105 19.21 -9.92 3.66
C PHE A 105 17.77 -10.44 3.76
N TYR A 106 17.08 -10.48 2.63
CA TYR A 106 15.72 -10.96 2.64
C TYR A 106 15.66 -12.43 2.97
N GLU A 107 16.53 -13.23 2.35
CA GLU A 107 16.59 -14.66 2.62
C GLU A 107 16.65 -14.88 4.14
N HIS A 108 17.59 -14.20 4.81
CA HIS A 108 17.71 -14.31 6.27
C HIS A 108 16.38 -13.90 6.91
N LEU A 109 15.81 -12.80 6.45
CA LEU A 109 14.55 -12.32 6.99
C LEU A 109 13.53 -13.45 6.92
N LEU A 110 13.58 -14.21 5.83
CA LEU A 110 12.68 -15.33 5.64
C LEU A 110 13.03 -16.46 6.62
N ASP A 111 14.33 -16.64 6.89
CA ASP A 111 14.72 -17.69 7.83
C ASP A 111 14.12 -17.36 9.18
N GLU A 112 14.21 -16.10 9.56
CA GLU A 112 13.67 -15.64 10.84
C GLU A 112 12.16 -15.80 10.87
N ILE A 113 11.51 -15.39 9.79
CA ILE A 113 10.04 -15.48 9.69
C ILE A 113 9.54 -16.91 9.86
N GLU A 114 10.06 -17.82 9.04
CA GLU A 114 9.66 -19.22 9.11
C GLU A 114 10.06 -19.81 10.47
N LEU A 115 11.18 -19.34 11.03
CA LEU A 115 11.64 -19.86 12.32
C LEU A 115 10.65 -19.55 13.45
N ALA A 116 9.86 -18.50 13.28
CA ALA A 116 8.88 -18.13 14.30
C ALA A 116 7.52 -18.66 13.92
N GLY A 117 7.47 -19.42 12.84
CA GLY A 117 6.20 -19.98 12.40
C GLY A 117 5.25 -18.97 11.80
N LEU A 118 5.79 -17.99 11.09
CA LEU A 118 4.93 -17.00 10.46
C LEU A 118 4.80 -17.26 8.97
N ILE A 119 3.72 -16.74 8.40
CA ILE A 119 3.42 -16.90 6.98
C ILE A 119 3.65 -15.58 6.28
N PRO A 120 4.66 -15.51 5.41
CA PRO A 120 5.00 -14.30 4.67
C PRO A 120 4.13 -13.96 3.46
N MET A 121 4.13 -12.68 3.12
CA MET A 121 3.46 -12.14 1.94
C MET A 121 4.46 -11.10 1.47
N LEU A 122 5.11 -11.37 0.35
CA LEU A 122 6.13 -10.47 -0.20
C LEU A 122 5.54 -9.51 -1.21
N THR A 123 5.72 -8.21 -0.95
CA THR A 123 5.24 -7.18 -1.84
C THR A 123 6.41 -6.76 -2.71
N LEU A 124 6.28 -7.00 -4.02
CA LEU A 124 7.33 -6.68 -4.99
C LEU A 124 7.69 -5.19 -5.07
N TYR A 125 6.71 -4.32 -5.29
CA TYR A 125 6.99 -2.89 -5.40
C TYR A 125 6.18 -2.04 -4.43
N HIS A 126 6.87 -1.35 -3.52
CA HIS A 126 6.20 -0.48 -2.55
C HIS A 126 6.78 0.93 -2.61
N TRP A 127 6.78 1.48 -3.82
CA TRP A 127 7.23 2.83 -4.17
C TRP A 127 8.72 3.18 -4.17
N ASP A 128 9.60 2.31 -3.70
CA ASP A 128 11.03 2.65 -3.70
C ASP A 128 11.80 2.27 -4.97
N LEU A 129 11.48 2.96 -6.06
CA LEU A 129 12.11 2.74 -7.35
C LEU A 129 13.54 3.22 -7.31
N PRO A 130 14.48 2.40 -7.80
CA PRO A 130 15.90 2.77 -7.81
C PRO A 130 16.06 4.10 -8.53
N GLN A 131 16.91 4.97 -7.99
CA GLN A 131 17.11 6.25 -8.62
C GLN A 131 17.65 6.08 -10.04
N TRP A 132 18.60 5.17 -10.23
CA TRP A 132 19.18 4.98 -11.54
C TRP A 132 18.13 4.70 -12.59
N ILE A 133 16.97 4.21 -12.18
CA ILE A 133 15.90 3.97 -13.13
C ILE A 133 15.14 5.25 -13.42
N GLU A 134 14.95 6.07 -12.40
CA GLU A 134 14.24 7.34 -12.60
C GLU A 134 15.07 8.21 -13.53
N ASP A 135 16.39 8.02 -13.47
CA ASP A 135 17.29 8.79 -14.33
C ASP A 135 17.03 8.41 -15.79
N GLU A 136 16.63 7.16 -16.03
CA GLU A 136 16.34 6.72 -17.37
C GLU A 136 14.93 7.19 -17.77
N GLY A 137 14.20 7.76 -16.81
CA GLY A 137 12.86 8.23 -17.10
C GLY A 137 11.83 7.61 -16.16
N GLY A 138 12.28 6.69 -15.32
CA GLY A 138 11.39 6.06 -14.37
C GLY A 138 10.14 5.47 -14.97
N TRP A 139 9.03 5.58 -14.27
CA TRP A 139 7.77 5.04 -14.73
C TRP A 139 7.22 5.59 -16.06
N THR A 140 7.71 6.74 -16.50
CA THR A 140 7.22 7.31 -17.77
C THR A 140 7.79 6.55 -18.96
N GLN A 141 8.78 5.69 -18.69
CA GLN A 141 9.42 4.93 -19.76
C GLN A 141 8.99 3.47 -19.78
N ARG A 142 8.46 3.05 -20.92
CA ARG A 142 8.00 1.68 -21.10
C ARG A 142 9.16 0.74 -20.78
N GLU A 143 10.37 1.19 -21.07
CA GLU A 143 11.59 0.41 -20.82
C GLU A 143 11.72 0.02 -19.36
N THR A 144 11.09 0.78 -18.49
CA THR A 144 11.15 0.51 -17.06
C THR A 144 10.49 -0.84 -16.77
N ILE A 145 9.50 -1.21 -17.57
CA ILE A 145 8.77 -2.46 -17.36
C ILE A 145 9.67 -3.69 -17.50
N GLN A 146 10.63 -3.65 -18.42
CA GLN A 146 11.53 -4.79 -18.56
C GLN A 146 12.42 -4.85 -17.33
N HIS A 147 12.84 -3.68 -16.83
CA HIS A 147 13.66 -3.60 -15.62
C HIS A 147 12.91 -4.27 -14.48
N PHE A 148 11.59 -4.11 -14.47
CA PHE A 148 10.77 -4.72 -13.43
C PHE A 148 10.79 -6.22 -13.62
N LYS A 149 10.62 -6.66 -14.86
CA LYS A 149 10.63 -8.08 -15.18
C LYS A 149 11.90 -8.72 -14.61
N THR A 150 13.03 -8.08 -14.86
CA THR A 150 14.33 -8.56 -14.38
C THR A 150 14.29 -8.71 -12.87
N TYR A 151 13.85 -7.66 -12.19
CA TYR A 151 13.76 -7.64 -10.74
C TYR A 151 12.81 -8.70 -10.20
N ALA A 152 11.61 -8.76 -10.75
CA ALA A 152 10.63 -9.74 -10.28
C ALA A 152 11.04 -11.18 -10.55
N SER A 153 11.76 -11.43 -11.65
CA SER A 153 12.20 -12.79 -11.94
C SER A 153 13.18 -13.32 -10.90
N VAL A 154 14.18 -12.51 -10.55
CA VAL A 154 15.18 -12.91 -9.57
C VAL A 154 14.55 -13.22 -8.23
N ILE A 155 13.59 -12.40 -7.84
CA ILE A 155 12.88 -12.57 -6.58
C ILE A 155 12.11 -13.89 -6.55
N MET A 156 11.45 -14.21 -7.66
CA MET A 156 10.68 -15.44 -7.73
C MET A 156 11.55 -16.67 -7.86
N ASP A 157 12.73 -16.51 -8.45
CA ASP A 157 13.64 -17.64 -8.61
C ASP A 157 14.33 -17.93 -7.29
N ARG A 158 14.74 -16.87 -6.60
CA ARG A 158 15.44 -17.01 -5.33
C ARG A 158 14.55 -17.46 -4.19
N PHE A 159 13.26 -17.16 -4.28
CA PHE A 159 12.33 -17.57 -3.24
C PHE A 159 11.19 -18.30 -3.95
N GLY A 160 9.97 -17.80 -3.86
CA GLY A 160 8.89 -18.49 -4.56
C GLY A 160 8.47 -19.79 -3.94
N GLU A 161 9.41 -20.68 -3.67
CA GLU A 161 9.07 -21.95 -3.05
C GLU A 161 8.65 -21.70 -1.61
N ARG A 162 9.18 -20.63 -0.99
CA ARG A 162 8.81 -20.33 0.39
C ARG A 162 7.85 -19.17 0.57
N ILE A 163 7.42 -18.58 -0.55
CA ILE A 163 6.49 -17.45 -0.53
C ILE A 163 5.08 -17.93 -0.80
N ASN A 164 4.27 -17.96 0.25
CA ASN A 164 2.88 -18.38 0.15
C ASN A 164 2.02 -17.33 -0.55
N TRP A 165 2.36 -16.06 -0.37
CA TRP A 165 1.58 -14.98 -0.98
C TRP A 165 2.39 -13.90 -1.68
N TRP A 166 1.99 -13.61 -2.91
CA TRP A 166 2.65 -12.60 -3.70
C TRP A 166 1.78 -11.37 -3.87
N ASN A 167 2.28 -10.24 -3.39
CA ASN A 167 1.58 -8.97 -3.52
C ASN A 167 2.47 -8.27 -4.54
N THR A 168 1.91 -7.98 -5.72
CA THR A 168 2.70 -7.36 -6.79
C THR A 168 3.04 -5.87 -6.65
N ILE A 169 2.03 -5.03 -6.85
CA ILE A 169 2.20 -3.59 -6.76
C ILE A 169 1.34 -3.09 -5.61
N ASN A 170 1.88 -2.16 -4.85
CA ASN A 170 1.14 -1.56 -3.74
C ASN A 170 0.72 -0.14 -4.11
N GLU A 171 -0.58 0.05 -4.29
CA GLU A 171 -1.15 1.35 -4.64
C GLU A 171 -0.58 2.00 -5.90
N PRO A 172 -0.99 1.51 -7.07
CA PRO A 172 -0.51 2.09 -8.33
C PRO A 172 -0.86 3.57 -8.36
N TYR A 173 -2.01 3.89 -7.76
CA TYR A 173 -2.50 5.27 -7.70
C TYR A 173 -1.46 6.24 -7.15
N CYS A 174 -1.01 5.98 -5.93
CA CYS A 174 -0.02 6.83 -5.29
C CYS A 174 1.28 6.98 -6.09
N ALA A 175 1.84 5.87 -6.54
CA ALA A 175 3.09 5.92 -7.28
C ALA A 175 2.99 6.67 -8.60
N SER A 176 1.79 6.68 -9.20
CA SER A 176 1.59 7.37 -10.48
C SER A 176 0.98 8.79 -10.36
N ILE A 177 -0.23 8.88 -9.83
CA ILE A 177 -0.87 10.19 -9.71
C ILE A 177 -0.12 11.13 -8.76
N LEU A 178 0.28 10.63 -7.59
CA LEU A 178 0.99 11.47 -6.62
C LEU A 178 2.46 11.65 -6.97
N GLY A 179 3.07 10.62 -7.52
CA GLY A 179 4.48 10.67 -7.86
C GLY A 179 4.86 11.47 -9.09
N TYR A 180 3.98 11.47 -10.08
CA TYR A 180 4.22 12.19 -11.34
C TYR A 180 3.18 13.24 -11.67
N GLY A 181 2.02 13.15 -11.04
CA GLY A 181 0.95 14.09 -11.32
C GLY A 181 0.85 15.27 -10.39
N THR A 182 0.77 15.01 -9.09
CA THR A 182 0.65 16.09 -8.11
C THR A 182 1.98 16.50 -7.50
N GLY A 183 3.02 15.71 -7.73
CA GLY A 183 4.33 16.00 -7.19
C GLY A 183 4.48 15.71 -5.69
N GLU A 184 3.43 15.16 -5.09
CA GLU A 184 3.40 14.87 -3.66
C GLU A 184 4.21 13.68 -3.14
N HIS A 185 4.53 12.75 -4.04
CA HIS A 185 5.32 11.59 -3.68
C HIS A 185 6.46 11.53 -4.68
N ALA A 186 7.50 10.77 -4.36
CA ALA A 186 8.66 10.64 -5.25
C ALA A 186 8.20 10.07 -6.58
N PRO A 187 8.87 10.45 -7.68
CA PRO A 187 10.00 11.39 -7.76
C PRO A 187 9.63 12.87 -7.63
N GLY A 188 8.34 13.17 -7.68
CA GLY A 188 7.91 14.55 -7.53
C GLY A 188 7.61 15.37 -8.77
N HIS A 189 7.24 14.74 -9.87
CA HIS A 189 6.92 15.50 -11.09
C HIS A 189 5.49 16.03 -11.02
N GLU A 190 5.19 17.05 -11.82
CA GLU A 190 3.85 17.63 -11.88
C GLU A 190 3.47 17.68 -13.36
N ASN A 191 3.13 16.52 -13.91
CA ASN A 191 2.77 16.44 -15.33
C ASN A 191 1.77 15.29 -15.51
N TRP A 192 0.51 15.65 -15.70
CA TRP A 192 -0.54 14.65 -15.88
C TRP A 192 -0.30 13.66 -17.01
N ARG A 193 0.39 14.10 -18.04
CA ARG A 193 0.67 13.19 -19.14
C ARG A 193 1.55 12.05 -18.60
N GLU A 194 2.56 12.40 -17.81
CA GLU A 194 3.44 11.37 -17.24
C GLU A 194 2.76 10.52 -16.16
N ALA A 195 1.88 11.12 -15.38
CA ALA A 195 1.18 10.39 -14.33
C ALA A 195 0.37 9.23 -14.90
N PHE A 196 -0.46 9.54 -15.89
CA PHE A 196 -1.31 8.54 -16.53
C PHE A 196 -0.49 7.50 -17.31
N THR A 197 0.66 7.91 -17.84
CA THR A 197 1.57 7.01 -18.57
C THR A 197 2.21 6.08 -17.53
N ALA A 198 2.64 6.68 -16.43
CA ALA A 198 3.27 5.92 -15.36
C ALA A 198 2.25 4.95 -14.75
N ALA A 199 1.00 5.39 -14.67
CA ALA A 199 -0.06 4.55 -14.12
C ALA A 199 -0.30 3.33 -15.01
N HIS A 200 -0.08 3.48 -16.31
CA HIS A 200 -0.29 2.41 -17.26
C HIS A 200 0.88 1.42 -17.21
N HIS A 201 2.09 1.95 -17.03
CA HIS A 201 3.28 1.10 -16.95
C HIS A 201 3.37 0.33 -15.66
N ILE A 202 2.91 0.92 -14.56
CA ILE A 202 2.96 0.22 -13.29
C ILE A 202 1.88 -0.85 -13.24
N LEU A 203 0.74 -0.61 -13.87
CA LEU A 203 -0.33 -1.61 -13.87
C LEU A 203 0.15 -2.78 -14.71
N MET A 204 0.89 -2.49 -15.78
CA MET A 204 1.41 -3.56 -16.63
C MET A 204 2.35 -4.46 -15.83
N CYS A 205 3.11 -3.87 -14.92
CA CYS A 205 4.05 -4.65 -14.12
C CYS A 205 3.32 -5.66 -13.25
N HIS A 206 2.06 -5.40 -12.95
CA HIS A 206 1.30 -6.38 -12.17
C HIS A 206 1.05 -7.57 -13.08
N GLY A 207 0.77 -7.28 -14.34
CA GLY A 207 0.52 -8.33 -15.31
C GLY A 207 1.80 -9.06 -15.61
N ILE A 208 2.89 -8.31 -15.65
CA ILE A 208 4.19 -8.86 -15.90
C ILE A 208 4.47 -9.91 -14.83
N ALA A 209 4.51 -9.46 -13.58
CA ALA A 209 4.76 -10.36 -12.46
C ALA A 209 3.77 -11.52 -12.42
N SER A 210 2.56 -11.30 -12.94
CA SER A 210 1.56 -12.35 -12.96
C SER A 210 1.95 -13.39 -13.99
N ASN A 211 2.47 -12.93 -15.13
CA ASN A 211 2.91 -13.84 -16.19
C ASN A 211 4.15 -14.60 -15.73
N LEU A 212 5.09 -13.92 -15.08
CA LEU A 212 6.30 -14.56 -14.58
C LEU A 212 5.90 -15.62 -13.56
N HIS A 213 4.87 -15.30 -12.77
CA HIS A 213 4.36 -16.19 -11.74
C HIS A 213 3.89 -17.52 -12.31
N LYS A 214 3.00 -17.45 -13.29
CA LYS A 214 2.46 -18.66 -13.92
C LYS A 214 3.53 -19.35 -14.75
N GLU A 215 4.38 -18.57 -15.42
CA GLU A 215 5.44 -19.15 -16.24
C GLU A 215 6.38 -19.99 -15.39
N LYS A 216 6.75 -19.48 -14.23
CA LYS A 216 7.65 -20.19 -13.33
C LYS A 216 6.92 -21.30 -12.58
N GLY A 217 5.60 -21.37 -12.76
CA GLY A 217 4.82 -22.39 -12.10
C GLY A 217 4.83 -22.33 -10.58
N LEU A 218 4.66 -21.15 -10.01
CA LEU A 218 4.66 -21.00 -8.56
C LEU A 218 3.30 -21.35 -7.95
N THR A 219 3.29 -21.76 -6.68
CA THR A 219 2.02 -22.14 -6.04
C THR A 219 1.43 -21.07 -5.15
N GLY A 220 2.25 -20.10 -4.74
CA GLY A 220 1.75 -19.05 -3.88
C GLY A 220 0.66 -18.21 -4.53
N LYS A 221 -0.36 -17.83 -3.76
CA LYS A 221 -1.44 -16.99 -4.28
C LYS A 221 -0.79 -15.69 -4.74
N ILE A 222 -1.47 -14.97 -5.63
CA ILE A 222 -0.93 -13.71 -6.11
C ILE A 222 -2.00 -12.67 -6.34
N GLY A 223 -1.64 -11.41 -6.11
CA GLY A 223 -2.58 -10.34 -6.30
C GLY A 223 -1.97 -8.96 -6.09
N ILE A 224 -2.71 -7.98 -6.57
CA ILE A 224 -2.33 -6.59 -6.48
C ILE A 224 -3.07 -5.94 -5.31
N THR A 225 -2.56 -4.80 -4.85
CA THR A 225 -3.22 -4.05 -3.78
C THR A 225 -3.57 -2.69 -4.34
N LEU A 226 -4.83 -2.28 -4.15
CA LEU A 226 -5.25 -0.97 -4.61
C LEU A 226 -5.74 -0.22 -3.40
N ASN A 227 -5.29 1.01 -3.23
CA ASN A 227 -5.80 1.80 -2.12
C ASN A 227 -7.11 2.32 -2.68
N MET A 228 -8.17 2.26 -1.87
CA MET A 228 -9.46 2.74 -2.32
C MET A 228 -10.15 3.55 -1.25
N GLU A 229 -10.94 4.52 -1.67
CA GLU A 229 -11.65 5.35 -0.71
C GLU A 229 -13.09 5.55 -1.12
N HIS A 230 -13.98 5.50 -0.14
CA HIS A 230 -15.38 5.69 -0.43
C HIS A 230 -15.59 7.17 -0.70
N VAL A 231 -16.45 7.48 -1.64
CA VAL A 231 -16.70 8.86 -1.99
C VAL A 231 -18.17 9.26 -1.86
N ASP A 232 -18.42 10.37 -1.17
CA ASP A 232 -19.77 10.88 -0.98
C ASP A 232 -19.78 12.31 -1.52
N ALA A 233 -20.92 12.71 -2.09
CA ALA A 233 -21.08 14.05 -2.64
C ALA A 233 -21.32 14.95 -1.46
N ALA A 234 -20.84 16.19 -1.54
CA ALA A 234 -21.01 17.14 -0.43
C ALA A 234 -22.46 17.60 -0.25
N SER A 235 -23.24 17.56 -1.33
CA SER A 235 -24.64 18.00 -1.27
C SER A 235 -25.41 17.36 -2.42
N GLU A 236 -26.72 17.57 -2.44
CA GLU A 236 -27.54 16.99 -3.50
C GLU A 236 -27.39 17.75 -4.82
N ARG A 237 -26.57 18.79 -4.82
CA ARG A 237 -26.34 19.59 -6.04
C ARG A 237 -25.74 18.71 -7.12
N PRO A 238 -26.27 18.82 -8.35
CA PRO A 238 -25.82 18.05 -9.51
C PRO A 238 -24.31 18.01 -9.72
N GLU A 239 -23.69 19.19 -9.82
CA GLU A 239 -22.25 19.24 -10.05
C GLU A 239 -21.47 18.58 -8.93
N ASP A 240 -21.99 18.61 -7.70
CA ASP A 240 -21.31 17.96 -6.58
C ASP A 240 -21.38 16.44 -6.78
N VAL A 241 -22.52 15.95 -7.25
CA VAL A 241 -22.67 14.52 -7.49
C VAL A 241 -21.73 14.17 -8.64
N ALA A 242 -21.63 15.08 -9.61
CA ALA A 242 -20.74 14.89 -10.75
C ALA A 242 -19.32 14.86 -10.22
N ALA A 243 -19.02 15.78 -9.31
CA ALA A 243 -17.69 15.87 -8.74
C ALA A 243 -17.31 14.56 -8.07
N ALA A 244 -18.22 14.06 -7.23
CA ALA A 244 -17.98 12.83 -6.52
C ALA A 244 -17.70 11.67 -7.47
N ILE A 245 -18.43 11.61 -8.57
CA ILE A 245 -18.24 10.56 -9.56
C ILE A 245 -16.81 10.64 -10.08
N ARG A 246 -16.37 11.87 -10.38
CA ARG A 246 -15.03 12.11 -10.88
C ARG A 246 -13.94 11.68 -9.91
N ARG A 247 -14.16 11.91 -8.61
CA ARG A 247 -13.17 11.51 -7.61
C ARG A 247 -13.10 9.99 -7.56
N ASP A 248 -14.27 9.35 -7.57
CA ASP A 248 -14.34 7.90 -7.52
C ASP A 248 -13.61 7.25 -8.70
N GLY A 249 -13.70 7.87 -9.87
CA GLY A 249 -13.04 7.34 -11.05
C GLY A 249 -11.54 7.63 -11.03
N PHE A 250 -11.18 8.72 -10.35
CA PHE A 250 -9.81 9.18 -10.22
C PHE A 250 -8.96 8.19 -9.43
N ILE A 251 -9.42 7.81 -8.25
CA ILE A 251 -8.70 6.87 -7.38
C ILE A 251 -9.05 5.39 -7.55
N ASN A 252 -10.34 5.08 -7.63
CA ASN A 252 -10.80 3.70 -7.72
C ASN A 252 -10.93 3.09 -9.11
N ARG A 253 -11.90 3.59 -9.88
CA ARG A 253 -12.18 3.06 -11.22
C ARG A 253 -11.02 3.09 -12.22
N TRP A 254 -10.16 4.09 -12.15
CA TRP A 254 -9.07 4.15 -13.09
C TRP A 254 -8.09 2.99 -12.96
N PHE A 255 -8.04 2.36 -11.79
CA PHE A 255 -7.14 1.25 -11.58
C PHE A 255 -7.85 -0.07 -11.46
N ALA A 256 -9.04 -0.04 -10.88
CA ALA A 256 -9.84 -1.25 -10.71
C ALA A 256 -10.46 -1.71 -12.03
N GLU A 257 -10.88 -0.75 -12.86
CA GLU A 257 -11.50 -1.06 -14.15
C GLU A 257 -10.60 -1.93 -15.05
N PRO A 258 -9.36 -1.47 -15.31
CA PRO A 258 -8.46 -2.26 -16.17
C PRO A 258 -8.14 -3.65 -15.60
N LEU A 259 -8.02 -3.73 -14.28
CA LEU A 259 -7.69 -5.00 -13.62
C LEU A 259 -8.76 -6.07 -13.76
N PHE A 260 -10.04 -5.70 -13.74
CA PHE A 260 -11.11 -6.70 -13.89
C PHE A 260 -11.80 -6.64 -15.24
N ASN A 261 -12.09 -5.42 -15.71
CA ASN A 261 -12.79 -5.21 -16.96
C ASN A 261 -11.93 -4.97 -18.19
N GLY A 262 -10.61 -5.03 -18.03
CA GLY A 262 -9.75 -4.80 -19.18
C GLY A 262 -9.91 -3.46 -19.91
N LYS A 263 -10.35 -2.43 -19.20
CA LYS A 263 -10.50 -1.10 -19.81
C LYS A 263 -10.44 0.03 -18.80
N TYR A 264 -10.24 1.25 -19.29
CA TYR A 264 -10.19 2.43 -18.45
C TYR A 264 -11.60 3.06 -18.42
N PRO A 265 -11.96 3.71 -17.31
CA PRO A 265 -13.28 4.35 -17.21
C PRO A 265 -13.47 5.30 -18.39
N GLU A 266 -14.50 5.06 -19.19
CA GLU A 266 -14.78 5.87 -20.37
C GLU A 266 -14.92 7.35 -20.06
N ASP A 267 -15.61 7.65 -18.97
CA ASP A 267 -15.83 9.03 -18.58
C ASP A 267 -14.55 9.72 -18.16
N MET A 268 -13.71 9.01 -17.42
CA MET A 268 -12.45 9.60 -16.98
C MET A 268 -11.56 9.82 -18.20
N VAL A 269 -11.58 8.87 -19.14
CA VAL A 269 -10.81 9.00 -20.37
C VAL A 269 -11.28 10.25 -21.10
N GLU A 270 -12.58 10.44 -21.15
CA GLU A 270 -13.17 11.60 -21.80
C GLU A 270 -12.73 12.87 -21.08
N TRP A 271 -12.79 12.83 -19.76
CA TRP A 271 -12.43 13.98 -18.93
C TRP A 271 -10.95 14.36 -19.01
N TYR A 272 -10.07 13.37 -19.08
CA TYR A 272 -8.63 13.66 -19.13
C TYR A 272 -8.19 14.23 -20.48
N GLY A 273 -9.18 14.52 -21.34
CA GLY A 273 -8.93 15.08 -22.65
C GLY A 273 -7.56 14.90 -23.30
N THR A 274 -6.90 16.03 -23.55
CA THR A 274 -5.61 16.07 -24.20
C THR A 274 -4.48 15.40 -23.40
N TYR A 275 -4.69 15.26 -22.09
CA TYR A 275 -3.68 14.64 -21.24
C TYR A 275 -3.42 13.18 -21.56
N LEU A 276 -4.42 12.46 -22.06
CA LEU A 276 -4.24 11.05 -22.42
C LEU A 276 -3.56 10.93 -23.78
N ASN A 277 -3.48 12.06 -24.48
CA ASN A 277 -2.83 12.12 -25.78
C ASN A 277 -3.32 11.05 -26.74
N GLY A 278 -4.61 10.77 -26.75
CA GLY A 278 -5.13 9.76 -27.64
C GLY A 278 -4.85 8.34 -27.16
N LEU A 279 -4.52 8.21 -25.87
CA LEU A 279 -4.23 6.91 -25.27
C LEU A 279 -3.10 6.20 -26.02
N ASP A 280 -2.19 7.01 -26.56
CA ASP A 280 -1.05 6.54 -27.34
C ASP A 280 -0.04 5.69 -26.58
N PHE A 281 -0.09 5.69 -25.26
CA PHE A 281 0.86 4.88 -24.50
C PHE A 281 0.37 3.44 -24.36
N VAL A 282 -0.84 3.17 -24.83
CA VAL A 282 -1.39 1.82 -24.77
C VAL A 282 -0.93 1.11 -26.03
N GLN A 283 -0.58 -0.16 -25.90
CA GLN A 283 -0.12 -0.92 -27.04
C GLN A 283 -0.91 -2.22 -27.11
N PRO A 284 -1.05 -2.80 -28.31
CA PRO A 284 -1.80 -4.05 -28.45
C PRO A 284 -1.36 -5.09 -27.42
N GLY A 285 -2.28 -5.54 -26.58
CA GLY A 285 -1.94 -6.52 -25.57
C GLY A 285 -1.86 -5.98 -24.16
N ASP A 286 -1.45 -4.72 -24.02
CA ASP A 286 -1.32 -4.08 -22.70
C ASP A 286 -2.50 -4.33 -21.78
N MET A 287 -3.68 -3.91 -22.21
CA MET A 287 -4.89 -4.10 -21.40
C MET A 287 -5.10 -5.59 -21.07
N GLU A 288 -4.74 -6.48 -22.00
CA GLU A 288 -4.94 -7.90 -21.73
C GLU A 288 -3.95 -8.29 -20.65
N LEU A 289 -2.73 -7.81 -20.79
CA LEU A 289 -1.67 -8.06 -19.83
C LEU A 289 -2.11 -7.63 -18.43
N ILE A 290 -2.71 -6.44 -18.35
CA ILE A 290 -3.19 -5.84 -17.11
C ILE A 290 -4.36 -6.55 -16.45
N GLN A 291 -5.35 -6.93 -17.24
CA GLN A 291 -6.55 -7.60 -16.73
C GLN A 291 -6.31 -8.99 -16.15
N GLN A 292 -5.59 -9.06 -15.04
CA GLN A 292 -5.32 -10.34 -14.40
C GLN A 292 -5.56 -10.24 -12.89
N PRO A 293 -6.84 -10.26 -12.47
CA PRO A 293 -7.21 -10.16 -11.06
C PRO A 293 -6.37 -11.05 -10.15
N GLY A 294 -5.94 -12.19 -10.69
CA GLY A 294 -5.14 -13.10 -9.90
C GLY A 294 -6.00 -13.89 -8.93
N ASP A 295 -5.40 -14.30 -7.81
CA ASP A 295 -6.09 -15.08 -6.80
C ASP A 295 -6.85 -14.28 -5.74
N PHE A 296 -6.54 -13.00 -5.61
CA PHE A 296 -7.21 -12.16 -4.62
C PHE A 296 -6.98 -10.69 -4.91
N LEU A 297 -7.83 -9.85 -4.33
CA LEU A 297 -7.71 -8.41 -4.47
C LEU A 297 -7.26 -7.85 -3.12
N GLY A 298 -6.15 -7.12 -3.13
CA GLY A 298 -5.65 -6.53 -1.90
C GLY A 298 -6.17 -5.11 -1.85
N ILE A 299 -6.65 -4.70 -0.69
CA ILE A 299 -7.19 -3.37 -0.52
C ILE A 299 -6.61 -2.66 0.70
N ASN A 300 -6.35 -1.37 0.54
CA ASN A 300 -5.84 -0.52 1.61
C ASN A 300 -6.89 0.56 1.77
N TYR A 301 -7.51 0.63 2.95
CA TYR A 301 -8.52 1.64 3.18
C TYR A 301 -8.17 2.44 4.42
N TYR A 302 -8.53 3.72 4.43
CA TYR A 302 -8.23 4.57 5.57
C TYR A 302 -9.34 5.53 5.93
N THR A 303 -9.86 6.22 4.94
CA THR A 303 -10.91 7.20 5.19
C THR A 303 -11.82 7.37 3.99
N ARG A 304 -12.86 8.17 4.14
CA ARG A 304 -13.79 8.42 3.04
C ARG A 304 -13.52 9.82 2.54
N SER A 305 -14.11 10.12 1.39
CA SER A 305 -13.96 11.42 0.77
C SER A 305 -15.36 12.05 0.64
N ILE A 306 -15.48 13.35 0.95
CA ILE A 306 -16.74 14.05 0.81
C ILE A 306 -16.41 15.11 -0.22
N ILE A 307 -16.97 14.97 -1.42
CA ILE A 307 -16.64 15.88 -2.49
C ILE A 307 -17.68 16.89 -2.95
N ARG A 308 -17.18 18.04 -3.40
CA ARG A 308 -18.00 19.12 -3.94
C ARG A 308 -17.25 19.62 -5.16
N SER A 309 -17.96 20.29 -6.06
CA SER A 309 -17.32 20.76 -7.28
C SER A 309 -16.81 22.19 -7.20
N THR A 310 -15.78 22.46 -8.01
CA THR A 310 -15.16 23.79 -8.13
C THR A 310 -14.95 24.00 -9.63
N ASN A 311 -14.57 25.20 -10.04
CA ASN A 311 -14.35 25.44 -11.46
C ASN A 311 -12.91 25.94 -11.61
N ASP A 312 -12.04 25.39 -10.75
CA ASP A 312 -10.63 25.77 -10.72
C ASP A 312 -9.71 25.19 -11.79
N ALA A 313 -8.43 25.49 -11.62
CA ALA A 313 -7.38 25.09 -12.55
C ALA A 313 -6.83 23.67 -12.34
N SER A 314 -7.40 22.91 -11.40
CA SER A 314 -6.89 21.57 -11.18
C SER A 314 -7.45 20.57 -12.18
N LEU A 315 -6.79 19.42 -12.27
CA LEU A 315 -7.19 18.36 -13.17
C LEU A 315 -8.66 17.95 -13.02
N LEU A 316 -9.08 17.60 -11.81
CA LEU A 316 -10.46 17.16 -11.58
C LEU A 316 -11.49 18.23 -11.26
N GLN A 317 -11.05 19.39 -10.79
CA GLN A 317 -11.96 20.48 -10.44
C GLN A 317 -12.90 20.03 -9.33
N VAL A 318 -12.34 19.27 -8.39
CA VAL A 318 -13.07 18.72 -7.25
C VAL A 318 -12.49 19.23 -5.93
N GLU A 319 -13.35 19.50 -4.95
CA GLU A 319 -12.90 20.00 -3.66
C GLU A 319 -13.29 19.01 -2.57
N GLN A 320 -12.36 18.72 -1.69
CA GLN A 320 -12.62 17.79 -0.61
C GLN A 320 -13.08 18.60 0.60
N VAL A 321 -14.24 18.26 1.14
CA VAL A 321 -14.74 18.96 2.30
C VAL A 321 -13.95 18.39 3.48
N HIS A 322 -13.47 19.25 4.36
CA HIS A 322 -12.70 18.76 5.48
C HIS A 322 -13.52 18.52 6.74
N MET A 323 -14.03 17.30 6.85
CA MET A 323 -14.82 16.88 7.99
C MET A 323 -13.92 16.81 9.22
N GLU A 324 -13.93 17.87 10.02
CA GLU A 324 -13.11 17.95 11.23
C GLU A 324 -13.59 16.95 12.29
N GLU A 325 -14.70 16.27 12.01
CA GLU A 325 -15.33 15.27 12.89
C GLU A 325 -14.34 14.27 13.48
N PRO A 326 -14.78 13.02 13.79
CA PRO A 326 -13.71 12.17 14.36
C PRO A 326 -12.61 12.04 13.30
N VAL A 327 -11.39 12.39 13.67
CA VAL A 327 -10.28 12.29 12.74
C VAL A 327 -9.01 11.82 13.42
N THR A 328 -8.06 11.37 12.61
CA THR A 328 -6.78 10.91 13.12
C THR A 328 -5.86 12.11 13.20
N ASP A 329 -4.62 11.84 13.59
CA ASP A 329 -3.60 12.86 13.74
C ASP A 329 -3.25 13.44 12.37
N MET A 330 -3.79 12.82 11.32
CA MET A 330 -3.53 13.28 9.96
C MET A 330 -4.67 14.10 9.40
N GLY A 331 -5.70 14.32 10.23
CA GLY A 331 -6.85 15.08 9.78
C GLY A 331 -7.77 14.17 9.00
N TRP A 332 -7.48 12.87 9.03
CA TRP A 332 -8.30 11.90 8.31
C TRP A 332 -9.52 11.54 9.14
N GLU A 333 -10.70 11.77 8.57
CA GLU A 333 -11.95 11.46 9.26
C GLU A 333 -12.12 9.95 9.47
N ILE A 334 -12.74 9.60 10.59
CA ILE A 334 -12.99 8.19 10.91
C ILE A 334 -14.46 7.88 10.65
N HIS A 335 -14.72 7.16 9.57
CA HIS A 335 -16.09 6.80 9.20
C HIS A 335 -16.19 5.32 8.83
N PRO A 336 -16.17 4.45 9.84
CA PRO A 336 -16.25 3.00 9.61
C PRO A 336 -17.41 2.54 8.71
N GLU A 337 -18.53 3.24 8.74
CA GLU A 337 -19.65 2.86 7.90
C GLU A 337 -19.19 2.83 6.44
N SER A 338 -18.44 3.87 6.04
CA SER A 338 -17.94 3.96 4.68
C SER A 338 -17.10 2.76 4.26
N PHE A 339 -16.31 2.22 5.18
CA PHE A 339 -15.48 1.05 4.89
C PHE A 339 -16.39 -0.12 4.46
N TYR A 340 -17.47 -0.34 5.22
CA TYR A 340 -18.43 -1.39 4.90
C TYR A 340 -19.06 -1.12 3.54
N LYS A 341 -19.38 0.16 3.29
CA LYS A 341 -19.98 0.59 2.02
C LYS A 341 -19.04 0.39 0.84
N LEU A 342 -17.74 0.61 1.06
CA LEU A 342 -16.75 0.41 0.00
C LEU A 342 -16.58 -1.08 -0.30
N LEU A 343 -16.48 -1.89 0.76
CA LEU A 343 -16.32 -3.33 0.60
C LEU A 343 -17.49 -3.95 -0.15
N THR A 344 -18.68 -3.43 0.10
CA THR A 344 -19.87 -3.93 -0.59
C THR A 344 -19.79 -3.58 -2.07
N ARG A 345 -19.46 -2.33 -2.36
CA ARG A 345 -19.37 -1.84 -3.74
C ARG A 345 -18.32 -2.57 -4.55
N ILE A 346 -17.22 -2.94 -3.88
CA ILE A 346 -16.13 -3.62 -4.54
C ILE A 346 -16.47 -5.05 -4.92
N GLU A 347 -17.33 -5.70 -4.14
CA GLU A 347 -17.74 -7.07 -4.42
C GLU A 347 -18.72 -7.01 -5.60
N LYS A 348 -19.62 -6.03 -5.56
CA LYS A 348 -20.63 -5.86 -6.61
C LYS A 348 -19.96 -5.66 -7.95
N ASP A 349 -19.08 -4.67 -8.02
CA ASP A 349 -18.36 -4.39 -9.26
C ASP A 349 -17.00 -5.05 -9.07
N PHE A 350 -16.24 -5.18 -10.14
CA PHE A 350 -14.90 -5.75 -10.01
C PHE A 350 -14.74 -7.19 -9.51
N SER A 351 -14.49 -7.35 -8.21
CA SER A 351 -14.24 -8.67 -7.62
C SER A 351 -15.33 -9.74 -7.68
N LYS A 352 -16.59 -9.34 -7.65
CA LYS A 352 -17.70 -10.28 -7.73
C LYS A 352 -17.35 -11.72 -7.30
N GLY A 353 -17.00 -11.90 -6.03
CA GLY A 353 -16.69 -13.23 -5.53
C GLY A 353 -15.25 -13.51 -5.15
N LEU A 354 -14.32 -12.99 -5.93
CA LEU A 354 -12.90 -13.21 -5.67
C LEU A 354 -12.57 -12.85 -4.23
N PRO A 355 -11.59 -13.55 -3.64
CA PRO A 355 -11.21 -13.27 -2.25
C PRO A 355 -10.62 -11.88 -2.10
N ILE A 356 -11.08 -11.16 -1.09
CA ILE A 356 -10.60 -9.83 -0.81
C ILE A 356 -9.71 -9.89 0.42
N LEU A 357 -8.61 -9.17 0.37
CA LEU A 357 -7.67 -9.13 1.47
C LEU A 357 -7.36 -7.68 1.81
N ILE A 358 -7.46 -7.34 3.08
CA ILE A 358 -7.15 -5.99 3.49
C ILE A 358 -5.68 -6.01 3.87
N THR A 359 -4.84 -5.55 2.95
CA THR A 359 -3.41 -5.54 3.17
C THR A 359 -2.96 -4.35 4.01
N GLU A 360 -3.84 -3.37 4.21
CA GLU A 360 -3.51 -2.20 5.03
C GLU A 360 -4.73 -1.47 5.58
N ASN A 361 -4.75 -1.28 6.89
CA ASN A 361 -5.82 -0.57 7.58
C ASN A 361 -5.31 -0.19 8.97
N GLY A 362 -5.39 1.09 9.32
CA GLY A 362 -4.92 1.56 10.61
C GLY A 362 -5.09 3.06 10.73
N ALA A 363 -4.47 3.66 11.75
CA ALA A 363 -4.59 5.11 11.93
C ALA A 363 -3.42 5.74 12.67
N ALA A 364 -3.25 7.04 12.49
CA ALA A 364 -2.18 7.78 13.14
C ALA A 364 -2.77 8.73 14.16
N MET A 365 -2.56 8.45 15.44
CA MET A 365 -3.06 9.28 16.53
C MET A 365 -1.84 9.81 17.28
N ARG A 366 -2.03 10.84 18.09
CA ARG A 366 -0.90 11.40 18.86
C ARG A 366 -0.57 10.44 20.00
N ASP A 367 0.66 9.94 20.00
CA ASP A 367 1.10 9.00 21.04
C ASP A 367 1.87 9.68 22.16
N GLU A 368 1.64 9.18 23.37
CA GLU A 368 2.32 9.68 24.56
C GLU A 368 2.71 8.46 25.39
N LEU A 369 4.00 8.30 25.66
CA LEU A 369 4.45 7.15 26.44
C LEU A 369 4.37 7.42 27.94
N VAL A 370 3.51 6.67 28.60
CA VAL A 370 3.27 6.80 30.05
C VAL A 370 3.66 5.50 30.75
N ASN A 371 4.58 5.59 31.70
CA ASN A 371 5.04 4.41 32.42
C ASN A 371 5.15 3.20 31.52
N GLY A 372 6.04 3.29 30.53
CA GLY A 372 6.26 2.21 29.60
C GLY A 372 5.03 1.65 28.93
N GLN A 373 4.02 2.49 28.71
CA GLN A 373 2.82 2.03 28.04
C GLN A 373 2.22 3.14 27.19
N ILE A 374 1.60 2.75 26.09
CA ILE A 374 0.99 3.71 25.19
C ILE A 374 -0.50 3.44 25.16
N GLU A 375 -1.27 4.29 25.85
CA GLU A 375 -2.71 4.15 25.91
C GLU A 375 -3.34 4.78 24.68
N ASP A 376 -3.11 4.16 23.53
CA ASP A 376 -3.65 4.65 22.27
C ASP A 376 -5.09 4.18 22.08
N THR A 377 -5.93 4.61 23.00
CA THR A 377 -7.35 4.29 22.97
C THR A 377 -7.91 4.73 21.63
N GLY A 378 -7.38 5.84 21.11
CA GLY A 378 -7.84 6.33 19.83
C GLY A 378 -7.63 5.30 18.73
N ARG A 379 -6.38 4.87 18.54
CA ARG A 379 -6.06 3.92 17.48
C ARG A 379 -6.82 2.61 17.66
N GLN A 380 -7.16 2.89 18.78
CA GLN A 380 -7.83 1.65 19.16
C GLN A 380 -9.29 1.70 18.70
N ARG A 381 -9.99 2.77 19.06
CA ARG A 381 -11.38 2.91 18.67
C ARG A 381 -11.52 2.91 17.16
N TYR A 382 -10.23 2.88 16.58
CA TYR A 382 -10.28 2.94 15.12
C TYR A 382 -10.21 1.54 14.49
N ILE A 383 -9.32 0.69 14.98
CA ILE A 383 -9.19 -0.65 14.45
C ILE A 383 -10.43 -1.50 14.75
N GLU A 384 -10.87 -1.46 16.00
CA GLU A 384 -12.04 -2.19 16.43
C GLU A 384 -13.25 -1.81 15.58
N GLU A 385 -13.54 -0.52 15.51
CA GLU A 385 -14.69 -0.04 14.75
C GLU A 385 -14.66 -0.47 13.28
N HIS A 386 -13.50 -0.38 12.64
CA HIS A 386 -13.44 -0.78 11.25
C HIS A 386 -13.52 -2.30 11.12
N LEU A 387 -13.15 -3.03 12.17
CA LEU A 387 -13.24 -4.49 12.12
C LEU A 387 -14.70 -4.93 12.21
N LYS A 388 -15.52 -4.12 12.86
CA LYS A 388 -16.95 -4.42 12.98
C LYS A 388 -17.50 -4.22 11.58
N ALA A 389 -16.86 -3.31 10.86
CA ALA A 389 -17.28 -3.02 9.49
C ALA A 389 -16.97 -4.23 8.66
N CYS A 390 -15.77 -4.78 8.85
CA CYS A 390 -15.36 -5.96 8.11
C CYS A 390 -16.21 -7.17 8.50
N HIS A 391 -16.66 -7.19 9.75
CA HIS A 391 -17.49 -8.30 10.23
C HIS A 391 -18.87 -8.29 9.59
N ARG A 392 -19.44 -7.10 9.44
CA ARG A 392 -20.75 -6.96 8.84
C ARG A 392 -20.71 -7.31 7.34
N PHE A 393 -19.59 -7.01 6.69
CA PHE A 393 -19.40 -7.31 5.28
C PHE A 393 -19.44 -8.84 5.14
N ILE A 394 -18.77 -9.50 6.07
CA ILE A 394 -18.80 -10.96 6.12
C ILE A 394 -20.16 -11.05 6.82
N GLU A 395 -20.65 -12.24 7.12
CA GLU A 395 -21.97 -12.29 7.75
C GLU A 395 -23.04 -11.91 6.72
N GLU A 396 -22.71 -10.98 5.83
CA GLU A 396 -23.63 -10.59 4.78
C GLU A 396 -23.21 -11.24 3.46
N GLY A 397 -22.20 -12.11 3.55
CA GLY A 397 -21.73 -12.82 2.37
C GLY A 397 -20.44 -12.32 1.73
N GLY A 398 -19.85 -11.27 2.29
CA GLY A 398 -18.62 -10.74 1.72
C GLY A 398 -17.47 -11.72 1.72
N GLN A 399 -16.59 -11.62 0.74
CA GLN A 399 -15.43 -12.51 0.65
C GLN A 399 -14.14 -11.96 1.27
N LEU A 400 -14.24 -11.45 2.48
CA LEU A 400 -13.07 -10.94 3.16
C LEU A 400 -12.44 -12.14 3.83
N LYS A 401 -11.21 -12.47 3.45
CA LYS A 401 -10.49 -13.62 3.98
C LYS A 401 -9.31 -13.26 4.86
N GLY A 402 -9.03 -11.97 5.01
CA GLY A 402 -7.90 -11.56 5.82
C GLY A 402 -7.80 -10.06 6.07
N TYR A 403 -7.05 -9.70 7.10
CA TYR A 403 -6.87 -8.31 7.48
C TYR A 403 -5.47 -8.12 8.07
N PHE A 404 -4.76 -7.12 7.57
CA PHE A 404 -3.42 -6.81 8.03
C PHE A 404 -3.42 -5.42 8.64
N VAL A 405 -3.30 -5.31 9.96
CA VAL A 405 -3.29 -3.99 10.59
C VAL A 405 -2.08 -3.24 10.04
N TRP A 406 -2.34 -2.09 9.45
CA TRP A 406 -1.22 -1.34 8.89
C TRP A 406 -0.32 -0.66 9.88
N SER A 407 0.95 -0.97 9.68
CA SER A 407 2.09 -0.50 10.41
C SER A 407 2.28 -1.21 11.74
N PHE A 408 3.14 -2.21 11.70
CA PHE A 408 3.51 -2.97 12.88
C PHE A 408 4.34 -1.98 13.71
N LEU A 409 5.20 -1.22 13.03
CA LEU A 409 6.08 -0.25 13.68
C LEU A 409 5.81 1.17 13.21
N ASP A 410 6.09 2.16 14.05
CA ASP A 410 5.92 3.54 13.62
C ASP A 410 7.02 3.64 12.57
N ASN A 411 6.84 4.40 11.50
CA ASN A 411 7.87 4.47 10.49
C ASN A 411 7.95 5.80 9.77
N PHE A 412 8.78 5.88 8.75
CA PHE A 412 8.91 7.10 7.97
C PHE A 412 7.59 7.18 7.20
N GLU A 413 6.70 8.07 7.63
CA GLU A 413 5.41 8.21 6.98
C GLU A 413 5.38 9.07 5.73
N TRP A 414 6.23 8.69 4.79
CA TRP A 414 6.33 9.36 3.50
C TRP A 414 6.42 10.89 3.61
N ALA A 415 5.49 11.60 2.97
CA ALA A 415 5.53 13.06 2.99
C ALA A 415 5.36 13.65 4.38
N TRP A 416 4.77 12.87 5.28
CA TRP A 416 4.58 13.32 6.65
C TRP A 416 5.87 13.13 7.44
N GLY A 417 6.78 12.32 6.91
CA GLY A 417 8.02 12.05 7.60
C GLY A 417 7.74 11.26 8.86
N TYR A 418 8.44 11.57 9.94
CA TYR A 418 8.23 10.85 11.19
C TYR A 418 7.22 11.59 12.07
N SER A 419 6.67 12.69 11.58
CA SER A 419 5.73 13.49 12.34
C SER A 419 4.46 12.71 12.66
N LYS A 420 4.26 11.58 11.99
CA LYS A 420 3.05 10.78 12.21
C LYS A 420 3.40 9.35 12.61
N ARG A 421 2.59 8.78 13.50
CA ARG A 421 2.83 7.42 13.97
C ARG A 421 1.66 6.48 13.68
N PHE A 422 1.94 5.48 12.85
CA PHE A 422 0.93 4.52 12.41
C PHE A 422 1.09 3.14 13.03
N GLY A 423 2.15 2.95 13.78
CA GLY A 423 2.38 1.63 14.35
C GLY A 423 1.55 1.22 15.54
N ILE A 424 1.55 -0.09 15.81
CA ILE A 424 0.85 -0.59 16.98
C ILE A 424 1.96 -0.88 17.97
N VAL A 425 3.20 -0.74 17.50
CA VAL A 425 4.40 -0.92 18.32
C VAL A 425 5.13 0.41 18.25
N HIS A 426 5.30 1.05 19.40
CA HIS A 426 5.95 2.35 19.47
C HIS A 426 7.46 2.32 19.34
N ILE A 427 7.99 3.15 18.43
CA ILE A 427 9.43 3.21 18.25
C ILE A 427 10.00 4.48 18.87
N ASN A 428 10.99 4.31 19.75
CA ASN A 428 11.68 5.43 20.38
C ASN A 428 12.87 5.67 19.43
N TYR A 429 12.80 6.74 18.62
CA TYR A 429 13.85 7.01 17.66
C TYR A 429 15.22 7.39 18.20
N GLU A 430 15.28 7.78 19.47
CA GLU A 430 16.55 8.15 20.07
C GLU A 430 17.32 6.90 20.46
N THR A 431 16.59 5.84 20.80
CA THR A 431 17.20 4.60 21.25
C THR A 431 16.89 3.39 20.39
N GLN A 432 15.91 3.52 19.50
CA GLN A 432 15.48 2.43 18.62
C GLN A 432 14.77 1.27 19.31
N GLU A 433 14.43 1.42 20.58
CA GLU A 433 13.74 0.32 21.27
C GLU A 433 12.26 0.24 20.96
N ARG A 434 11.78 -0.99 20.82
CA ARG A 434 10.37 -1.26 20.54
C ARG A 434 9.58 -1.45 21.83
N THR A 435 8.40 -0.85 21.87
CA THR A 435 7.49 -0.94 23.01
C THR A 435 6.07 -1.06 22.47
N PRO A 436 5.45 -2.24 22.60
CA PRO A 436 4.09 -2.47 22.10
C PRO A 436 3.07 -1.51 22.71
N LYS A 437 2.17 -0.98 21.88
CA LYS A 437 1.16 -0.06 22.37
C LYS A 437 -0.04 -0.88 22.87
N GLN A 438 -0.94 -0.26 23.63
CA GLN A 438 -2.11 -0.99 24.13
C GLN A 438 -2.91 -1.62 23.01
N SER A 439 -2.94 -0.96 21.86
CA SER A 439 -3.68 -1.50 20.73
C SER A 439 -3.08 -2.83 20.30
N ALA A 440 -1.76 -2.94 20.36
CA ALA A 440 -1.10 -4.18 19.96
C ALA A 440 -1.48 -5.33 20.88
N LEU A 441 -1.57 -5.04 22.18
CA LEU A 441 -1.94 -6.06 23.15
C LEU A 441 -3.40 -6.45 22.94
N TRP A 442 -4.22 -5.46 22.61
CA TRP A 442 -5.62 -5.71 22.36
C TRP A 442 -5.75 -6.63 21.15
N PHE A 443 -4.89 -6.38 20.16
CA PHE A 443 -4.91 -7.16 18.94
C PHE A 443 -4.51 -8.60 19.22
N LYS A 444 -3.59 -8.78 20.17
CA LYS A 444 -3.13 -10.11 20.55
C LYS A 444 -4.27 -10.90 21.16
N GLN A 445 -4.98 -10.28 22.11
CA GLN A 445 -6.11 -10.91 22.77
C GLN A 445 -7.28 -11.08 21.79
N MET A 446 -7.35 -10.18 20.80
CA MET A 446 -8.41 -10.25 19.81
C MET A 446 -8.20 -11.46 18.90
N MET A 447 -7.00 -11.62 18.35
CA MET A 447 -6.68 -12.75 17.47
C MET A 447 -6.74 -14.08 18.22
N ALA A 448 -6.57 -14.03 19.53
CA ALA A 448 -6.60 -15.21 20.40
C ALA A 448 -8.01 -15.80 20.45
N LYS A 449 -9.01 -14.93 20.60
CA LYS A 449 -10.40 -15.35 20.66
C LYS A 449 -10.93 -15.28 19.24
N ASN A 450 -10.02 -15.01 18.30
CA ASN A 450 -10.36 -14.87 16.91
C ASN A 450 -11.61 -14.02 16.78
N GLY A 451 -11.66 -12.94 17.55
CA GLY A 451 -12.79 -12.06 17.52
C GLY A 451 -12.80 -11.17 18.75
N PHE A 452 -13.90 -10.48 19.00
CA PHE A 452 -13.97 -9.61 20.17
C PHE A 452 -15.39 -9.22 20.58
C1 SGC B . -4.53 10.63 0.23
O1 SGC B . -5.43 11.80 0.46
C2 SGC B . -3.05 10.91 0.69
O2 SGC B . -2.49 12.06 -0.02
C3 SGC B . -2.14 9.61 0.47
O3 SGC B . -0.81 10.12 0.96
C4 SGC B . -2.73 8.34 1.27
C5 SGC B . -4.25 8.13 0.79
O5 SGC B . -5.04 9.41 0.96
C6 SGC B . -5.09 7.07 1.65
O6 SGC B . -6.31 7.60 2.25
S4 SGC B . -1.83 6.76 0.99
C2 BGC B . -0.75 4.82 2.46
C3 BGC B . -0.22 4.22 3.83
C4 BGC B . 0.72 5.22 4.63
C5 BGC B . -0.10 6.56 4.91
C6 BGC B . 0.60 7.74 5.64
C1 BGC B . -1.31 6.31 2.66
O2 BGC B . -1.75 4.00 1.95
O3 BGC B . 0.48 3.01 3.55
O4 BGC B . 1.15 4.61 5.80
O5 BGC B . -0.45 7.07 3.60
O6 BGC B . 1.45 8.50 4.71
#